data_8K4Q
#
_entry.id   8K4Q
#
_cell.length_a   57.870
_cell.length_b   109.598
_cell.length_c   64.167
_cell.angle_alpha   90.00
_cell.angle_beta   98.48
_cell.angle_gamma   90.00
#
_symmetry.space_group_name_H-M   'P 1 21 1'
#
loop_
_entity.id
_entity.type
_entity.pdbx_description
1 polymer 'Interleukin-4 receptor subunit alpha'
2 polymer 'IL-4R nanobody HuNb103'
3 branched 2-acetamido-2-deoxy-beta-D-glucopyranose-(1-4)-2-acetamido-2-deoxy-beta-D-glucopyranose
4 branched beta-D-mannopyranose-(1-4)-2-acetamido-2-deoxy-beta-D-glucopyranose-(1-4)-2-acetamido-2-deoxy-beta-D-glucopyranose
5 non-polymer 2-acetamido-2-deoxy-beta-D-glucopyranose
6 water water
#
loop_
_entity_poly.entity_id
_entity_poly.type
_entity_poly.pdbx_seq_one_letter_code
_entity_poly.pdbx_strand_id
1 'polypeptide(L)'
;MKVLQEPTCVSDYMSISTCEWKMNGPTNCSTELRLLYQLVFLLSEAHTCIPENNGGAGCVCHLLMDDVVSADNYTLDLWA
GQQLLWKGSFKPSEHVKPRAPGNLTVHTNVSDTLLLTWSNPYPPDNYLYNHLTYAVNIWSENDPADFRIYNVTYLEPSLR
IAASTLKSGISYRARVRAWAQCYNTTWSEWSPSTKWHNSYREPFEQHENLYFQG
;
A,C
2 'polypeptide(L)'
;GSEVQLQESGGGLVQPGGSLRLSCAASGSTSYRYCMAWFRQAPGKGLEAVASIRPRSGRAYYADSVKGRFTISRDNSKNT
LYLQMNSLRAEDTAMYYCAASDNDGNCQDYWGKGTLVTVSS
;
B,D
#
# COMPACT_ATOMS: atom_id res chain seq x y z
N VAL A 3 -17.28 6.03 -37.47
CA VAL A 3 -16.26 6.78 -36.76
C VAL A 3 -15.62 7.81 -37.69
N LEU A 4 -15.46 9.06 -37.19
CA LEU A 4 -14.83 10.11 -37.97
C LEU A 4 -13.35 10.18 -37.60
N GLN A 5 -13.01 10.68 -36.41
CA GLN A 5 -11.64 10.66 -35.96
C GLN A 5 -11.42 9.49 -35.00
N GLU A 6 -10.18 8.96 -35.07
CA GLU A 6 -9.83 7.67 -34.52
C GLU A 6 -9.64 7.78 -33.00
N PRO A 7 -10.04 6.75 -32.21
CA PRO A 7 -9.83 6.78 -30.77
C PRO A 7 -8.38 7.04 -30.39
N THR A 8 -8.16 8.02 -29.51
CA THR A 8 -6.85 8.27 -28.92
C THR A 8 -6.97 8.25 -27.40
N CYS A 9 -5.90 7.77 -26.75
CA CYS A 9 -5.89 7.51 -25.32
C CYS A 9 -4.73 8.23 -24.64
N VAL A 10 -4.94 8.51 -23.36
CA VAL A 10 -3.88 8.98 -22.46
C VAL A 10 -3.99 8.21 -21.15
N SER A 11 -2.92 8.27 -20.36
CA SER A 11 -2.83 7.53 -19.12
C SER A 11 -2.26 8.39 -18.00
N ASP A 12 -2.87 8.31 -16.81
CA ASP A 12 -2.37 9.01 -15.64
C ASP A 12 -1.26 8.27 -14.89
N TYR A 13 -0.87 7.09 -15.40
CA TYR A 13 0.23 6.28 -14.86
C TYR A 13 -0.04 5.78 -13.43
N MET A 14 -1.32 5.52 -13.14
CA MET A 14 -1.75 4.97 -11.88
C MET A 14 -2.78 3.89 -12.19
N SER A 15 -4.01 4.31 -12.51
CA SER A 15 -5.14 3.41 -12.62
C SER A 15 -6.19 3.78 -13.67
N ILE A 16 -6.04 4.97 -14.29
CA ILE A 16 -7.03 5.46 -15.24
C ILE A 16 -6.44 5.87 -16.58
N SER A 17 -6.98 5.27 -17.66
CA SER A 17 -6.69 5.70 -19.01
C SER A 17 -7.97 6.22 -19.67
N THR A 18 -7.86 7.40 -20.29
CA THR A 18 -9.01 8.05 -20.91
C THR A 18 -8.87 8.08 -22.44
N CYS A 19 -9.86 7.51 -23.14
CA CYS A 19 -9.87 7.47 -24.60
C CYS A 19 -11.00 8.31 -25.19
N GLU A 20 -10.75 8.86 -26.39
CA GLU A 20 -11.67 9.79 -27.04
C GLU A 20 -11.81 9.53 -28.54
N TRP A 21 -13.07 9.48 -29.00
CA TRP A 21 -13.38 9.43 -30.42
C TRP A 21 -14.61 10.27 -30.75
N LYS A 22 -14.83 10.49 -32.06
CA LYS A 22 -15.98 11.21 -32.57
C LYS A 22 -16.65 10.41 -33.69
N MET A 23 -17.97 10.20 -33.57
CA MET A 23 -18.66 9.20 -34.36
C MET A 23 -19.02 9.70 -35.77
N ASN A 24 -20.26 9.47 -36.23
CA ASN A 24 -20.72 9.89 -37.53
C ASN A 24 -21.89 10.83 -37.31
N GLY A 25 -23.09 10.28 -37.07
CA GLY A 25 -24.24 11.09 -36.72
C GLY A 25 -24.38 11.29 -35.22
N PRO A 26 -25.62 11.41 -34.69
CA PRO A 26 -25.85 11.42 -33.24
C PRO A 26 -25.82 10.00 -32.67
N THR A 27 -25.11 9.84 -31.54
CA THR A 27 -25.03 8.55 -30.88
C THR A 27 -25.15 8.67 -29.37
N ASN A 28 -25.96 7.77 -28.78
CA ASN A 28 -26.02 7.58 -27.33
C ASN A 28 -25.10 6.42 -26.97
N CYS A 29 -23.96 6.75 -26.34
CA CYS A 29 -22.88 5.79 -26.16
C CYS A 29 -23.14 4.77 -25.06
N SER A 30 -23.84 5.20 -24.00
CA SER A 30 -24.12 4.35 -22.85
C SER A 30 -25.07 3.21 -23.17
N THR A 31 -25.91 3.39 -24.20
CA THR A 31 -26.50 2.30 -24.94
C THR A 31 -25.78 2.30 -26.28
N GLU A 32 -25.83 1.19 -27.03
CA GLU A 32 -25.34 1.11 -28.40
C GLU A 32 -23.86 0.72 -28.54
N LEU A 33 -22.97 1.44 -27.85
CA LEU A 33 -21.54 1.23 -28.01
C LEU A 33 -20.87 0.61 -26.78
N ARG A 34 -19.82 -0.17 -27.06
CA ARG A 34 -18.96 -0.77 -26.05
C ARG A 34 -17.51 -0.67 -26.51
N LEU A 35 -16.60 -0.39 -25.57
CA LEU A 35 -15.16 -0.41 -25.83
C LEU A 35 -14.51 -1.54 -25.02
N LEU A 36 -14.03 -2.56 -25.74
CA LEU A 36 -13.39 -3.71 -25.12
C LEU A 36 -11.86 -3.53 -25.12
N TYR A 37 -11.27 -3.72 -23.94
CA TYR A 37 -9.83 -3.58 -23.78
C TYR A 37 -9.29 -4.80 -23.05
N GLN A 38 -8.04 -5.17 -23.38
CA GLN A 38 -7.41 -6.34 -22.80
C GLN A 38 -5.90 -6.17 -22.81
N LEU A 39 -5.28 -6.42 -21.65
CA LEU A 39 -3.82 -6.40 -21.52
C LEU A 39 -3.27 -7.62 -22.24
N VAL A 40 -2.30 -7.38 -23.13
CA VAL A 40 -1.56 -8.47 -23.78
C VAL A 40 -0.66 -9.09 -22.71
N PHE A 41 -1.09 -10.25 -22.20
CA PHE A 41 -0.55 -10.82 -20.96
C PHE A 41 -1.16 -12.19 -20.74
N LEU A 42 -0.33 -13.15 -20.31
CA LEU A 42 -0.75 -14.53 -20.10
C LEU A 42 -2.02 -14.65 -19.26
N LEU A 43 -3.03 -15.31 -19.83
CA LEU A 43 -4.31 -15.61 -19.20
C LEU A 43 -5.16 -14.35 -18.92
N SER A 44 -4.87 -13.24 -19.60
CA SER A 44 -5.66 -12.04 -19.40
C SER A 44 -7.08 -12.24 -19.90
N GLU A 45 -7.99 -11.44 -19.34
CA GLU A 45 -9.39 -11.43 -19.76
C GLU A 45 -9.68 -10.04 -20.32
N ALA A 46 -10.60 -9.97 -21.28
CA ALA A 46 -11.05 -8.70 -21.85
C ALA A 46 -12.00 -8.03 -20.85
N HIS A 47 -11.76 -6.75 -20.58
CA HIS A 47 -12.68 -5.92 -19.83
C HIS A 47 -13.49 -5.08 -20.80
N THR A 48 -14.60 -4.54 -20.30
CA THR A 48 -15.56 -3.85 -21.14
C THR A 48 -15.85 -2.50 -20.49
N CYS A 49 -15.74 -1.45 -21.31
CA CYS A 49 -15.90 -0.07 -20.85
C CYS A 49 -17.10 0.54 -21.55
N ILE A 50 -18.12 0.93 -20.77
CA ILE A 50 -19.32 1.57 -21.30
C ILE A 50 -19.07 3.08 -21.41
N PRO A 51 -19.06 3.67 -22.63
CA PRO A 51 -18.65 5.06 -22.78
C PRO A 51 -19.71 6.06 -22.34
N GLU A 52 -19.25 7.27 -22.05
CA GLU A 52 -20.10 8.40 -21.70
C GLU A 52 -20.00 9.41 -22.86
N ASN A 53 -21.10 10.14 -23.13
CA ASN A 53 -21.12 11.15 -24.18
C ASN A 53 -20.46 12.46 -23.73
N ASN A 54 -19.66 13.06 -24.63
CA ASN A 54 -19.02 14.34 -24.37
C ASN A 54 -19.28 15.37 -25.48
N GLY A 55 -20.05 14.96 -26.50
CA GLY A 55 -20.69 15.88 -27.43
C GLY A 55 -21.73 15.11 -28.26
N GLY A 56 -22.45 15.82 -29.13
CA GLY A 56 -23.39 15.21 -30.06
C GLY A 56 -22.98 13.82 -30.55
N ALA A 57 -21.81 13.75 -31.21
CA ALA A 57 -21.28 12.51 -31.76
C ALA A 57 -19.93 12.12 -31.14
N GLY A 58 -19.60 12.73 -30.00
CA GLY A 58 -18.32 12.52 -29.33
C GLY A 58 -18.45 11.81 -27.98
N CYS A 59 -17.60 10.80 -27.74
CA CYS A 59 -17.70 9.96 -26.56
C CYS A 59 -16.35 9.79 -25.88
N VAL A 60 -16.40 9.41 -24.59
CA VAL A 60 -15.23 9.19 -23.77
C VAL A 60 -15.39 7.92 -22.94
N CYS A 61 -14.28 7.20 -22.71
CA CYS A 61 -14.27 6.00 -21.88
C CYS A 61 -13.13 6.11 -20.88
N HIS A 62 -13.38 5.69 -19.63
CA HIS A 62 -12.36 5.68 -18.60
C HIS A 62 -11.98 4.23 -18.30
N LEU A 63 -10.81 3.82 -18.80
CA LEU A 63 -10.35 2.45 -18.69
C LEU A 63 -9.71 2.24 -17.32
N LEU A 64 -10.30 1.35 -16.51
CA LEU A 64 -9.75 1.05 -15.20
C LEU A 64 -8.57 0.09 -15.36
N MET A 65 -7.52 0.32 -14.56
CA MET A 65 -6.31 -0.44 -14.68
C MET A 65 -5.68 -0.70 -13.30
N ASP A 66 -5.03 -1.87 -13.17
CA ASP A 66 -4.04 -2.10 -12.13
C ASP A 66 -2.91 -1.10 -12.38
N ASP A 67 -1.72 -1.32 -11.81
CA ASP A 67 -0.60 -0.41 -11.99
C ASP A 67 -0.38 -0.07 -13.46
N VAL A 68 0.60 0.80 -13.74
CA VAL A 68 1.03 1.04 -15.11
C VAL A 68 2.55 0.89 -15.19
N VAL A 69 3.01 -0.09 -15.97
CA VAL A 69 4.44 -0.29 -16.20
C VAL A 69 4.69 -0.18 -17.69
N SER A 70 5.92 0.19 -18.07
CA SER A 70 6.19 0.70 -19.40
C SER A 70 5.97 -0.31 -20.54
N ALA A 71 6.01 -1.61 -20.23
CA ALA A 71 5.82 -2.65 -21.23
C ALA A 71 4.35 -3.02 -21.44
N ASP A 72 3.45 -2.53 -20.58
CA ASP A 72 2.02 -2.73 -20.75
C ASP A 72 1.51 -2.28 -22.11
N ASN A 73 0.85 -3.20 -22.82
CA ASN A 73 0.19 -2.93 -24.09
C ASN A 73 -1.22 -3.51 -24.06
N TYR A 74 -2.21 -2.74 -24.53
CA TYR A 74 -3.59 -3.19 -24.61
C TYR A 74 -4.09 -3.27 -26.05
N THR A 75 -4.94 -4.25 -26.35
CA THR A 75 -5.76 -4.21 -27.55
C THR A 75 -7.10 -3.53 -27.28
N LEU A 76 -7.55 -2.74 -28.27
CA LEU A 76 -8.76 -1.93 -28.17
C LEU A 76 -9.75 -2.22 -29.30
N ASP A 77 -10.96 -2.65 -28.92
CA ASP A 77 -12.00 -3.00 -29.88
C ASP A 77 -13.28 -2.23 -29.58
N LEU A 78 -13.65 -1.33 -30.50
CA LEU A 78 -14.90 -0.60 -30.43
C LEU A 78 -15.97 -1.38 -31.20
N TRP A 79 -17.01 -1.84 -30.49
CA TRP A 79 -18.12 -2.53 -31.12
C TRP A 79 -19.38 -1.66 -31.14
N ALA A 80 -20.28 -1.98 -32.08
CA ALA A 80 -21.64 -1.45 -32.09
C ALA A 80 -22.55 -2.65 -32.30
N GLY A 81 -22.98 -3.26 -31.19
CA GLY A 81 -23.71 -4.51 -31.23
C GLY A 81 -22.87 -5.67 -31.77
N GLN A 82 -23.30 -6.22 -32.92
CA GLN A 82 -22.63 -7.31 -33.59
C GLN A 82 -21.54 -6.83 -34.55
N GLN A 83 -21.47 -5.49 -34.73
CA GLN A 83 -20.60 -4.87 -35.71
C GLN A 83 -19.37 -4.23 -35.07
N LEU A 84 -18.18 -4.60 -35.59
CA LEU A 84 -16.93 -4.06 -35.09
C LEU A 84 -16.55 -2.80 -35.88
N LEU A 85 -16.48 -1.67 -35.18
CA LEU A 85 -16.28 -0.36 -35.79
C LEU A 85 -14.80 0.02 -35.90
N TRP A 86 -14.00 -0.42 -34.93
CA TRP A 86 -12.60 -0.08 -34.86
C TRP A 86 -11.76 -1.06 -34.05
N LYS A 87 -10.60 -1.42 -34.61
CA LYS A 87 -9.60 -2.24 -33.95
C LYS A 87 -8.33 -1.38 -33.77
N GLY A 88 -7.70 -1.50 -32.59
CA GLY A 88 -6.43 -0.83 -32.37
C GLY A 88 -5.67 -1.35 -31.15
N SER A 89 -4.73 -0.53 -30.69
CA SER A 89 -3.89 -0.91 -29.56
C SER A 89 -3.45 0.36 -28.84
N PHE A 90 -3.06 0.20 -27.58
CA PHE A 90 -2.68 1.34 -26.75
C PHE A 90 -1.61 0.95 -25.75
N LYS A 91 -0.57 1.79 -25.67
CA LYS A 91 0.51 1.62 -24.72
C LYS A 91 0.56 2.82 -23.78
N PRO A 92 0.09 2.69 -22.52
CA PRO A 92 0.00 3.82 -21.59
C PRO A 92 1.25 4.68 -21.40
N SER A 93 2.42 4.05 -21.41
CA SER A 93 3.69 4.75 -21.23
C SER A 93 4.13 5.55 -22.45
N GLU A 94 3.39 5.45 -23.56
CA GLU A 94 3.64 6.26 -24.74
C GLU A 94 2.72 7.48 -24.83
N HIS A 95 1.82 7.63 -23.86
CA HIS A 95 0.82 8.68 -23.85
C HIS A 95 0.47 9.05 -22.40
N VAL A 96 1.43 9.66 -21.70
CA VAL A 96 1.24 10.01 -20.30
C VAL A 96 0.62 11.41 -20.22
N LYS A 97 -0.51 11.49 -19.50
CA LYS A 97 -1.08 12.77 -19.12
C LYS A 97 -1.34 12.75 -17.62
N PRO A 98 -0.47 13.39 -16.80
CA PRO A 98 -0.58 13.29 -15.35
C PRO A 98 -1.84 13.94 -14.83
N ARG A 99 -2.18 13.67 -13.56
CA ARG A 99 -3.35 14.24 -12.92
C ARG A 99 -3.13 15.72 -12.66
N ALA A 100 -4.23 16.47 -12.61
CA ALA A 100 -4.16 17.87 -12.27
C ALA A 100 -3.78 18.00 -10.79
N PRO A 101 -2.86 18.91 -10.41
CA PRO A 101 -2.70 19.26 -9.00
C PRO A 101 -4.00 19.84 -8.42
N GLY A 102 -4.01 19.97 -7.08
CA GLY A 102 -5.21 20.41 -6.37
C GLY A 102 -4.84 21.23 -5.15
N ASN A 103 -5.90 21.75 -4.49
CA ASN A 103 -5.79 22.46 -3.23
C ASN A 103 -4.85 23.66 -3.32
N LEU A 104 -4.88 24.35 -4.45
CA LEU A 104 -4.05 25.52 -4.67
C LEU A 104 -4.46 26.62 -3.69
N THR A 105 -3.47 27.11 -2.93
CA THR A 105 -3.68 28.10 -1.89
C THR A 105 -2.66 29.24 -1.96
N VAL A 106 -3.14 30.48 -1.86
CA VAL A 106 -2.31 31.66 -1.71
C VAL A 106 -2.22 32.04 -0.23
N HIS A 107 -1.01 32.43 0.21
CA HIS A 107 -0.78 32.87 1.58
C HIS A 107 -0.36 34.35 1.55
N THR A 108 -1.18 35.23 2.17
CA THR A 108 -0.91 36.66 2.12
C THR A 108 -0.43 37.22 3.46
N ASN A 109 0.12 36.36 4.31
CA ASN A 109 0.48 36.76 5.66
C ASN A 109 1.87 37.41 5.82
N VAL A 110 2.57 37.60 4.70
CA VAL A 110 3.88 38.26 4.70
C VAL A 110 3.89 39.37 3.65
N SER A 111 4.08 40.61 4.11
CA SER A 111 3.81 41.80 3.30
C SER A 111 4.55 41.81 1.97
N ASP A 112 5.82 41.40 2.00
CA ASP A 112 6.69 41.50 0.83
C ASP A 112 6.54 40.34 -0.15
N THR A 113 6.35 39.13 0.40
CA THR A 113 6.38 37.89 -0.38
C THR A 113 5.06 37.13 -0.33
N LEU A 114 4.54 36.79 -1.52
CA LEU A 114 3.47 35.82 -1.69
C LEU A 114 3.97 34.38 -1.68
N LEU A 115 3.20 33.49 -1.05
CA LEU A 115 3.50 32.07 -1.06
C LEU A 115 2.30 31.32 -1.62
N LEU A 116 2.53 30.57 -2.72
CA LEU A 116 1.53 29.65 -3.24
C LEU A 116 1.93 28.20 -2.98
N THR A 117 0.97 27.42 -2.48
CA THR A 117 1.16 26.00 -2.23
C THR A 117 0.03 25.24 -2.90
N TRP A 118 0.23 23.92 -3.06
CA TRP A 118 -0.72 23.05 -3.74
C TRP A 118 -0.25 21.61 -3.58
N SER A 119 -1.11 20.64 -3.89
CA SER A 119 -0.79 19.24 -3.65
C SER A 119 -0.45 18.46 -4.92
N ASN A 120 0.62 17.65 -4.81
CA ASN A 120 0.95 16.62 -5.79
C ASN A 120 -0.13 15.56 -5.73
N PRO A 121 -0.82 15.25 -6.86
CA PRO A 121 -1.93 14.29 -6.84
C PRO A 121 -1.54 12.81 -6.74
N TYR A 122 -0.24 12.51 -6.65
CA TYR A 122 0.25 11.13 -6.58
C TYR A 122 0.72 10.73 -5.19
N PRO A 123 0.62 9.43 -4.81
CA PRO A 123 1.21 8.94 -3.57
C PRO A 123 2.74 8.81 -3.70
N PRO A 124 3.50 8.91 -2.58
CA PRO A 124 4.96 8.89 -2.63
C PRO A 124 5.65 7.77 -3.40
N ASP A 125 4.94 6.64 -3.60
CA ASP A 125 5.50 5.45 -4.22
C ASP A 125 5.27 5.30 -5.73
N ASN A 126 4.61 6.29 -6.35
CA ASN A 126 4.47 6.35 -7.80
C ASN A 126 5.72 7.01 -8.38
N TYR A 127 6.07 6.69 -9.64
CA TYR A 127 7.23 7.29 -10.28
C TYR A 127 7.09 8.80 -10.38
N LEU A 128 5.92 9.25 -10.85
CA LEU A 128 5.69 10.65 -11.16
C LEU A 128 5.82 11.54 -9.93
N TYR A 129 5.47 11.03 -8.75
CA TYR A 129 5.55 11.79 -7.51
C TYR A 129 6.84 12.59 -7.36
N ASN A 130 7.98 11.99 -7.75
CA ASN A 130 9.27 12.65 -7.64
C ASN A 130 9.71 13.36 -8.90
N HIS A 131 8.86 13.36 -9.94
CA HIS A 131 9.29 13.75 -11.29
C HIS A 131 8.32 14.75 -11.92
N LEU A 132 7.51 15.43 -11.10
CA LEU A 132 6.55 16.38 -11.65
C LEU A 132 7.13 17.79 -11.66
N THR A 133 7.10 18.41 -12.86
CA THR A 133 7.26 19.84 -13.04
C THR A 133 5.88 20.50 -12.97
N TYR A 134 5.86 21.78 -12.58
CA TYR A 134 4.61 22.53 -12.51
C TYR A 134 4.70 23.86 -13.24
N ALA A 135 3.56 24.32 -13.76
CA ALA A 135 3.47 25.65 -14.34
C ALA A 135 2.35 26.42 -13.63
N VAL A 136 2.70 27.58 -13.06
CA VAL A 136 1.77 28.38 -12.31
C VAL A 136 1.42 29.59 -13.16
N ASN A 137 0.12 29.79 -13.37
CA ASN A 137 -0.38 30.85 -14.24
C ASN A 137 -1.18 31.85 -13.41
N ILE A 138 -0.68 33.08 -13.35
CA ILE A 138 -1.29 34.18 -12.61
C ILE A 138 -1.78 35.23 -13.60
N TRP A 139 -2.99 35.77 -13.37
CA TRP A 139 -3.51 36.86 -14.20
C TRP A 139 -4.55 37.71 -13.48
N SER A 140 -4.64 39.00 -13.86
CA SER A 140 -5.62 39.93 -13.34
C SER A 140 -7.02 39.51 -13.78
N GLU A 141 -7.97 39.50 -12.84
CA GLU A 141 -9.25 38.85 -13.04
C GLU A 141 -10.02 39.36 -14.26
N ASN A 142 -9.99 40.68 -14.50
CA ASN A 142 -10.68 41.25 -15.65
C ASN A 142 -9.79 41.61 -16.85
N ASP A 143 -8.48 41.31 -16.75
CA ASP A 143 -7.51 41.64 -17.79
C ASP A 143 -6.51 40.50 -17.98
N PRO A 144 -6.90 39.47 -18.77
CA PRO A 144 -6.02 38.32 -19.03
C PRO A 144 -4.64 38.61 -19.62
N ALA A 145 -4.47 39.79 -20.22
CA ALA A 145 -3.23 40.17 -20.89
C ALA A 145 -2.15 40.56 -19.88
N ASP A 146 -2.58 40.98 -18.69
CA ASP A 146 -1.70 41.13 -17.54
C ASP A 146 -1.53 39.79 -16.82
N PHE A 147 -0.49 39.03 -17.19
CA PHE A 147 -0.30 37.68 -16.69
C PHE A 147 1.15 37.33 -16.38
N ARG A 148 1.34 36.18 -15.72
CA ARG A 148 2.65 35.61 -15.47
C ARG A 148 2.57 34.09 -15.61
N ILE A 149 3.68 33.48 -16.06
CA ILE A 149 3.87 32.05 -16.00
C ILE A 149 5.15 31.77 -15.22
N TYR A 150 5.08 30.87 -14.24
CA TYR A 150 6.24 30.44 -13.47
C TYR A 150 6.46 28.94 -13.62
N ASN A 151 7.70 28.55 -13.96
CA ASN A 151 8.08 27.16 -14.03
C ASN A 151 8.65 26.70 -12.68
N VAL A 152 8.04 25.68 -12.08
CA VAL A 152 8.51 25.14 -10.81
C VAL A 152 9.10 23.74 -11.01
N THR A 153 10.44 23.63 -10.97
CA THR A 153 11.13 22.38 -11.26
C THR A 153 11.84 21.76 -10.06
N TYR A 154 11.71 22.38 -8.89
CA TYR A 154 12.47 21.95 -7.72
C TYR A 154 11.74 20.92 -6.86
N LEU A 155 10.74 20.26 -7.44
CA LEU A 155 10.16 19.03 -6.90
C LEU A 155 9.54 19.27 -5.53
N GLU A 156 8.71 20.30 -5.47
CA GLU A 156 8.06 20.74 -4.25
C GLU A 156 6.94 21.68 -4.71
N PRO A 157 5.67 21.42 -4.33
CA PRO A 157 4.56 22.23 -4.82
C PRO A 157 4.44 23.54 -4.05
N SER A 158 5.41 24.44 -4.26
CA SER A 158 5.38 25.78 -3.68
C SER A 158 6.02 26.80 -4.61
N LEU A 159 5.56 28.05 -4.52
CA LEU A 159 6.09 29.18 -5.28
C LEU A 159 6.03 30.45 -4.43
N ARG A 160 7.07 31.28 -4.54
CA ARG A 160 7.13 32.55 -3.85
C ARG A 160 7.31 33.68 -4.86
N ILE A 161 6.59 34.79 -4.68
CA ILE A 161 6.78 35.96 -5.53
C ILE A 161 6.77 37.23 -4.68
N ALA A 162 7.60 38.21 -5.04
CA ALA A 162 7.48 39.55 -4.48
C ALA A 162 6.15 40.18 -4.89
N ALA A 163 5.34 40.58 -3.90
CA ALA A 163 4.06 41.24 -4.14
C ALA A 163 4.18 42.48 -5.03
N SER A 164 5.34 43.16 -4.93
CA SER A 164 5.67 44.32 -5.75
C SER A 164 5.78 44.04 -7.25
N THR A 165 5.77 42.78 -7.66
CA THR A 165 5.78 42.43 -9.08
C THR A 165 4.39 42.41 -9.70
N LEU A 166 3.35 42.56 -8.88
CA LEU A 166 1.97 42.58 -9.33
C LEU A 166 1.34 43.92 -8.92
N LYS A 167 0.32 44.35 -9.66
CA LYS A 167 -0.36 45.61 -9.39
C LYS A 167 -1.16 45.52 -8.10
N SER A 168 -1.25 46.66 -7.40
CA SER A 168 -1.92 46.75 -6.12
C SER A 168 -3.35 47.26 -6.30
N GLY A 169 -4.22 46.94 -5.34
CA GLY A 169 -5.63 47.28 -5.42
C GLY A 169 -6.44 46.40 -6.38
N ILE A 170 -5.76 45.44 -7.03
CA ILE A 170 -6.36 44.60 -8.05
C ILE A 170 -6.38 43.16 -7.53
N SER A 171 -7.36 42.38 -8.01
CA SER A 171 -7.44 40.96 -7.74
C SER A 171 -6.83 40.11 -8.86
N TYR A 172 -6.09 39.07 -8.44
CA TYR A 172 -5.49 38.12 -9.33
C TYR A 172 -6.08 36.72 -9.14
N ARG A 173 -6.07 35.94 -10.23
CA ARG A 173 -6.36 34.52 -10.19
C ARG A 173 -5.05 33.74 -10.35
N ALA A 174 -5.08 32.47 -9.96
CA ALA A 174 -3.95 31.58 -10.17
C ALA A 174 -4.42 30.14 -10.35
N ARG A 175 -3.72 29.41 -11.22
CA ARG A 175 -3.96 27.99 -11.41
C ARG A 175 -2.62 27.31 -11.73
N VAL A 176 -2.59 25.99 -11.62
CA VAL A 176 -1.37 25.24 -11.83
C VAL A 176 -1.66 23.91 -12.54
N ARG A 177 -0.74 23.52 -13.42
CA ARG A 177 -0.78 22.24 -14.09
C ARG A 177 0.56 21.50 -13.98
N ALA A 178 0.56 20.21 -14.35
CA ALA A 178 1.71 19.34 -14.09
C ALA A 178 2.25 18.70 -15.37
N TRP A 179 3.57 18.55 -15.40
CA TRP A 179 4.29 17.89 -16.48
C TRP A 179 5.19 16.80 -15.91
N ALA A 180 5.23 15.63 -16.56
CA ALA A 180 6.01 14.50 -16.05
C ALA A 180 7.51 14.44 -16.38
N GLN A 181 7.97 15.07 -17.47
CA GLN A 181 9.38 15.02 -17.88
C GLN A 181 9.62 13.70 -18.61
N CYS A 182 9.88 12.61 -17.88
CA CYS A 182 9.49 11.28 -18.32
C CYS A 182 9.91 11.05 -19.77
N TYR A 183 9.13 10.27 -20.53
CA TYR A 183 9.02 10.46 -21.97
C TYR A 183 7.53 10.56 -22.31
N ASN A 184 7.23 10.86 -23.58
CA ASN A 184 5.87 10.94 -24.07
C ASN A 184 4.87 11.40 -23.01
N THR A 185 5.07 12.64 -22.53
CA THR A 185 4.13 13.26 -21.61
C THR A 185 3.55 14.52 -22.25
N THR A 186 2.29 14.82 -21.91
CA THR A 186 1.67 16.11 -22.17
C THR A 186 1.24 16.74 -20.86
N TRP A 187 0.80 18.01 -20.93
CA TRP A 187 0.34 18.75 -19.77
C TRP A 187 -0.92 18.15 -19.17
N SER A 188 -0.98 18.15 -17.83
CA SER A 188 -2.22 17.85 -17.11
C SER A 188 -3.25 18.94 -17.38
N GLU A 189 -4.48 18.67 -16.93
CA GLU A 189 -5.51 19.68 -16.79
C GLU A 189 -5.04 20.73 -15.80
N TRP A 190 -5.69 21.91 -15.80
CA TRP A 190 -5.47 22.89 -14.76
C TRP A 190 -6.12 22.47 -13.46
N SER A 191 -5.46 22.78 -12.35
CA SER A 191 -6.12 22.88 -11.05
C SER A 191 -7.36 23.78 -11.12
N PRO A 192 -8.32 23.65 -10.18
CA PRO A 192 -9.22 24.77 -9.90
C PRO A 192 -8.35 26.00 -9.60
N SER A 193 -8.85 27.19 -9.93
CA SER A 193 -8.07 28.41 -9.68
C SER A 193 -8.44 29.01 -8.32
N THR A 194 -7.55 29.87 -7.78
CA THR A 194 -7.83 30.65 -6.59
C THR A 194 -7.70 32.15 -6.88
N LYS A 195 -8.23 32.96 -5.98
CA LYS A 195 -8.25 34.40 -6.15
C LYS A 195 -7.76 35.08 -4.87
N TRP A 196 -6.98 36.14 -5.03
CA TRP A 196 -6.72 37.04 -3.92
C TRP A 196 -6.68 38.48 -4.39
N HIS A 197 -6.89 39.40 -3.45
CA HIS A 197 -6.72 40.82 -3.68
C HIS A 197 -5.29 41.18 -3.34
N ASN A 198 -4.56 41.73 -4.31
CA ASN A 198 -3.15 42.10 -4.14
C ASN A 198 -3.07 43.52 -3.59
N SER A 199 -2.06 43.76 -2.74
CA SER A 199 -2.01 44.94 -1.89
C SER A 199 -0.61 45.55 -1.75
N TYR A 200 0.25 44.90 -0.95
CA TYR A 200 1.50 45.47 -0.43
C TYR A 200 1.44 47.00 -0.15
N GLU B 3 19.11 -13.16 -16.70
CA GLU B 3 19.62 -14.44 -16.25
C GLU B 3 19.03 -14.80 -14.88
N VAL B 4 17.69 -14.83 -14.80
CA VAL B 4 16.99 -15.24 -13.59
C VAL B 4 16.96 -16.77 -13.48
N GLN B 5 17.16 -17.27 -12.26
CA GLN B 5 17.03 -18.69 -11.98
C GLN B 5 15.87 -18.94 -11.04
N LEU B 6 15.20 -20.08 -11.24
CA LEU B 6 13.95 -20.41 -10.57
C LEU B 6 13.98 -21.85 -10.09
N GLN B 7 13.63 -22.07 -8.81
CA GLN B 7 13.57 -23.41 -8.24
C GLN B 7 12.26 -23.66 -7.49
N GLU B 8 11.42 -24.55 -8.05
CA GLU B 8 10.18 -24.94 -7.41
C GLU B 8 10.40 -25.94 -6.26
N SER B 9 9.40 -26.03 -5.38
CA SER B 9 9.31 -27.08 -4.38
C SER B 9 7.87 -27.23 -3.88
N GLY B 10 7.59 -28.33 -3.18
CA GLY B 10 6.32 -28.53 -2.52
C GLY B 10 5.38 -29.57 -3.12
N GLY B 11 5.87 -30.36 -4.09
CA GLY B 11 5.08 -31.40 -4.73
C GLY B 11 4.99 -32.69 -3.89
N GLY B 12 4.14 -33.61 -4.34
CA GLY B 12 3.82 -34.81 -3.58
C GLY B 12 2.51 -35.47 -4.00
N LEU B 13 2.26 -36.66 -3.46
CA LEU B 13 1.08 -37.44 -3.79
C LEU B 13 -0.07 -36.98 -2.90
N VAL B 14 -1.28 -36.99 -3.45
CA VAL B 14 -2.46 -36.51 -2.74
C VAL B 14 -3.68 -37.35 -3.12
N GLN B 15 -4.63 -37.39 -2.17
CA GLN B 15 -5.95 -37.96 -2.36
C GLN B 15 -6.82 -36.95 -3.13
N PRO B 16 -7.65 -37.39 -4.09
CA PRO B 16 -8.67 -36.52 -4.69
C PRO B 16 -9.52 -35.81 -3.63
N GLY B 17 -9.61 -34.48 -3.75
CA GLY B 17 -10.28 -33.65 -2.77
C GLY B 17 -9.32 -32.85 -1.89
N GLY B 18 -8.11 -33.39 -1.69
CA GLY B 18 -7.08 -32.78 -0.86
C GLY B 18 -6.38 -31.59 -1.52
N SER B 19 -5.43 -30.99 -0.78
CA SER B 19 -4.80 -29.75 -1.19
C SER B 19 -3.27 -29.86 -1.18
N LEU B 20 -2.62 -28.81 -1.70
CA LEU B 20 -1.17 -28.72 -1.80
C LEU B 20 -0.76 -27.26 -1.94
N ARG B 21 0.48 -26.95 -1.57
CA ARG B 21 1.06 -25.63 -1.78
C ARG B 21 2.42 -25.75 -2.42
N LEU B 22 2.59 -25.10 -3.57
CA LEU B 22 3.86 -25.09 -4.28
C LEU B 22 4.56 -23.76 -4.03
N SER B 23 5.88 -23.77 -4.18
CA SER B 23 6.71 -22.59 -3.99
C SER B 23 7.78 -22.53 -5.07
N CYS B 24 8.29 -21.32 -5.32
CA CYS B 24 9.28 -21.09 -6.34
C CYS B 24 10.12 -19.88 -5.93
N ALA B 25 11.29 -20.14 -5.34
CA ALA B 25 12.26 -19.11 -5.07
C ALA B 25 12.89 -18.61 -6.36
N ALA B 26 13.14 -17.29 -6.42
CA ALA B 26 13.79 -16.65 -7.54
C ALA B 26 15.16 -16.12 -7.09
N SER B 27 16.15 -16.20 -7.98
CA SER B 27 17.51 -15.77 -7.68
C SER B 27 17.66 -14.25 -7.77
N GLY B 28 16.61 -13.56 -8.23
CA GLY B 28 16.57 -12.10 -8.24
C GLY B 28 15.19 -11.57 -7.90
N SER B 29 15.06 -10.24 -7.82
CA SER B 29 13.81 -9.58 -7.47
C SER B 29 12.63 -10.00 -8.35
N THR B 30 11.63 -10.61 -7.70
CA THR B 30 10.34 -10.88 -8.31
C THR B 30 9.66 -9.61 -8.82
N SER B 31 9.87 -8.49 -8.12
CA SER B 31 9.20 -7.23 -8.43
C SER B 31 9.62 -6.57 -9.74
N TYR B 32 10.79 -6.96 -10.27
CA TYR B 32 11.27 -6.48 -11.56
C TYR B 32 10.83 -7.37 -12.73
N ARG B 33 10.18 -8.50 -12.44
CA ARG B 33 9.63 -9.35 -13.49
C ARG B 33 8.34 -8.72 -14.01
N TYR B 34 8.08 -8.88 -15.32
CA TYR B 34 6.86 -8.40 -15.92
C TYR B 34 5.74 -9.41 -15.69
N CYS B 35 6.05 -10.70 -15.96
CA CYS B 35 5.09 -11.78 -15.85
C CYS B 35 5.72 -12.86 -14.98
N MET B 36 4.87 -13.55 -14.21
CA MET B 36 5.27 -14.74 -13.49
C MET B 36 4.06 -15.67 -13.49
N ALA B 37 4.28 -16.96 -13.76
CA ALA B 37 3.18 -17.90 -13.93
C ALA B 37 3.55 -19.32 -13.55
N TRP B 38 2.50 -20.12 -13.34
CA TRP B 38 2.61 -21.57 -13.23
C TRP B 38 2.06 -22.19 -14.51
N PHE B 39 2.80 -23.18 -15.05
CA PHE B 39 2.36 -24.02 -16.13
C PHE B 39 2.39 -25.46 -15.62
N ARG B 40 1.80 -26.38 -16.39
CA ARG B 40 1.87 -27.79 -16.06
C ARG B 40 1.86 -28.68 -17.30
N GLN B 41 2.44 -29.87 -17.16
CA GLN B 41 2.41 -30.88 -18.20
C GLN B 41 1.98 -32.22 -17.63
N ALA B 42 0.82 -32.68 -18.09
CA ALA B 42 0.26 -33.97 -17.70
C ALA B 42 0.83 -35.03 -18.65
N PRO B 43 0.96 -36.30 -18.22
CA PRO B 43 1.48 -37.34 -19.10
C PRO B 43 0.74 -37.38 -20.44
N GLY B 44 1.50 -37.49 -21.53
CA GLY B 44 0.94 -37.61 -22.87
C GLY B 44 0.47 -36.30 -23.51
N LYS B 45 0.50 -35.19 -22.75
CA LYS B 45 -0.12 -33.95 -23.18
C LYS B 45 0.87 -32.78 -23.17
N GLY B 46 0.48 -31.68 -23.81
CA GLY B 46 1.34 -30.52 -23.95
C GLY B 46 1.27 -29.59 -22.74
N LEU B 47 2.24 -28.66 -22.64
CA LEU B 47 2.23 -27.62 -21.64
C LEU B 47 0.98 -26.75 -21.69
N GLU B 48 0.47 -26.38 -20.51
CA GLU B 48 -0.63 -25.43 -20.40
C GLU B 48 -0.44 -24.50 -19.21
N ALA B 49 -0.62 -23.19 -19.46
CA ALA B 49 -0.60 -22.20 -18.41
C ALA B 49 -1.78 -22.45 -17.48
N VAL B 50 -1.52 -22.30 -16.16
CA VAL B 50 -2.50 -22.58 -15.12
C VAL B 50 -2.93 -21.27 -14.47
N ALA B 51 -1.94 -20.45 -14.08
CA ALA B 51 -2.19 -19.19 -13.41
C ALA B 51 -1.04 -18.22 -13.66
N SER B 52 -1.34 -16.92 -13.75
CA SER B 52 -0.30 -15.91 -13.94
C SER B 52 -0.51 -14.71 -13.02
N ILE B 53 0.55 -13.90 -12.85
CA ILE B 53 0.50 -12.78 -11.93
C ILE B 53 1.35 -11.59 -12.37
N ARG B 54 0.83 -10.39 -12.03
CA ARG B 54 1.52 -9.13 -12.12
C ARG B 54 2.24 -8.88 -10.79
N PRO B 55 3.58 -9.06 -10.71
CA PRO B 55 4.29 -9.03 -9.43
C PRO B 55 4.15 -7.77 -8.57
N ARG B 56 4.13 -6.59 -9.21
CA ARG B 56 4.03 -5.35 -8.46
C ARG B 56 2.67 -5.20 -7.79
N SER B 57 1.58 -5.25 -8.58
CA SER B 57 0.25 -4.98 -8.06
C SER B 57 -0.36 -6.19 -7.37
N GLY B 58 -0.05 -7.39 -7.86
CA GLY B 58 -0.59 -8.62 -7.32
C GLY B 58 -1.76 -9.19 -8.14
N ARG B 59 -2.15 -8.48 -9.20
CA ARG B 59 -3.25 -8.89 -10.05
C ARG B 59 -3.00 -10.27 -10.67
N ALA B 60 -3.96 -11.19 -10.46
CA ALA B 60 -3.78 -12.59 -10.77
C ALA B 60 -4.78 -13.06 -11.83
N TYR B 61 -4.36 -14.00 -12.68
CA TYR B 61 -5.20 -14.56 -13.73
C TYR B 61 -5.14 -16.09 -13.75
N TYR B 62 -6.21 -16.73 -14.21
CA TYR B 62 -6.37 -18.17 -14.09
C TYR B 62 -7.00 -18.81 -15.33
N ALA B 63 -6.58 -20.03 -15.63
CA ALA B 63 -7.30 -20.87 -16.59
C ALA B 63 -8.61 -21.35 -15.98
N ASP B 64 -9.63 -21.53 -16.82
CA ASP B 64 -10.96 -21.95 -16.38
C ASP B 64 -10.94 -23.19 -15.50
N SER B 65 -10.11 -24.18 -15.86
CA SER B 65 -10.07 -25.46 -15.16
C SER B 65 -9.60 -25.39 -13.71
N VAL B 66 -9.00 -24.26 -13.29
CA VAL B 66 -8.53 -24.08 -11.92
C VAL B 66 -9.21 -22.92 -11.20
N LYS B 67 -10.08 -22.18 -11.90
CA LYS B 67 -10.86 -21.11 -11.30
C LYS B 67 -11.73 -21.68 -10.19
N GLY B 68 -11.63 -21.06 -9.00
CA GLY B 68 -12.37 -21.51 -7.83
C GLY B 68 -11.58 -22.46 -6.93
N ARG B 69 -10.49 -23.05 -7.47
CA ARG B 69 -9.72 -24.05 -6.74
C ARG B 69 -8.28 -23.66 -6.45
N PHE B 70 -7.57 -23.10 -7.44
CA PHE B 70 -6.20 -22.67 -7.27
C PHE B 70 -6.08 -21.17 -7.01
N THR B 71 -5.06 -20.78 -6.23
CA THR B 71 -4.72 -19.38 -5.99
C THR B 71 -3.23 -19.15 -6.22
N ILE B 72 -2.90 -18.13 -7.04
CA ILE B 72 -1.52 -17.72 -7.24
C ILE B 72 -1.29 -16.43 -6.45
N SER B 73 -0.10 -16.33 -5.85
CA SER B 73 0.27 -15.21 -5.00
C SER B 73 1.79 -15.10 -5.00
N ARG B 74 2.31 -14.03 -4.40
CA ARG B 74 3.74 -13.82 -4.36
C ARG B 74 4.11 -13.02 -3.12
N ASP B 75 5.29 -13.32 -2.57
CA ASP B 75 5.88 -12.55 -1.49
C ASP B 75 7.14 -11.90 -2.05
N ASN B 76 7.03 -10.63 -2.45
CA ASN B 76 8.15 -9.93 -3.07
C ASN B 76 9.36 -9.79 -2.14
N SER B 77 9.13 -9.77 -0.82
CA SER B 77 10.20 -9.63 0.15
C SER B 77 11.04 -10.90 0.30
N LYS B 78 10.47 -12.05 -0.12
CA LYS B 78 11.20 -13.31 -0.17
C LYS B 78 11.59 -13.72 -1.58
N ASN B 79 11.26 -12.88 -2.58
CA ASN B 79 11.42 -13.23 -3.99
C ASN B 79 10.86 -14.62 -4.30
N THR B 80 9.59 -14.84 -3.92
CA THR B 80 8.98 -16.16 -3.95
C THR B 80 7.57 -16.12 -4.55
N LEU B 81 7.21 -17.18 -5.28
CA LEU B 81 5.91 -17.33 -5.90
C LEU B 81 5.25 -18.59 -5.35
N TYR B 82 3.93 -18.55 -5.14
CA TYR B 82 3.18 -19.66 -4.54
C TYR B 82 2.01 -20.10 -5.40
N LEU B 83 1.61 -21.38 -5.26
CA LEU B 83 0.41 -21.90 -5.90
C LEU B 83 -0.35 -22.82 -4.94
N GLN B 84 -1.33 -22.23 -4.23
CA GLN B 84 -2.22 -22.98 -3.35
C GLN B 84 -3.21 -23.76 -4.20
N MET B 85 -3.18 -25.10 -4.07
CA MET B 85 -3.98 -26.00 -4.88
C MET B 85 -5.01 -26.71 -4.00
N ASN B 86 -6.30 -26.34 -4.15
CA ASN B 86 -7.37 -26.93 -3.38
C ASN B 86 -8.30 -27.76 -4.26
N SER B 87 -9.12 -28.61 -3.63
CA SER B 87 -10.03 -29.49 -4.35
C SER B 87 -9.36 -30.16 -5.55
N LEU B 88 -8.26 -30.86 -5.26
CA LEU B 88 -7.48 -31.52 -6.30
C LEU B 88 -8.25 -32.71 -6.87
N ARG B 89 -8.14 -32.88 -8.19
CA ARG B 89 -8.76 -33.99 -8.91
C ARG B 89 -7.64 -34.81 -9.56
N ALA B 90 -7.98 -36.01 -10.01
CA ALA B 90 -7.04 -36.86 -10.76
C ALA B 90 -6.51 -36.15 -12.00
N GLU B 91 -7.37 -35.33 -12.62
CA GLU B 91 -7.03 -34.51 -13.77
C GLU B 91 -5.85 -33.57 -13.57
N ASP B 92 -5.60 -33.17 -12.31
CA ASP B 92 -4.55 -32.21 -12.01
C ASP B 92 -3.15 -32.82 -11.87
N THR B 93 -3.05 -34.14 -12.06
CA THR B 93 -1.79 -34.87 -12.06
C THR B 93 -0.86 -34.38 -13.17
N ALA B 94 0.27 -33.79 -12.79
CA ALA B 94 1.21 -33.28 -13.76
C ALA B 94 2.53 -32.84 -13.13
N MET B 95 3.50 -32.51 -14.00
CA MET B 95 4.71 -31.79 -13.61
C MET B 95 4.38 -30.30 -13.68
N TYR B 96 4.68 -29.57 -12.60
CA TYR B 96 4.35 -28.16 -12.47
C TYR B 96 5.60 -27.28 -12.50
N TYR B 97 5.54 -26.18 -13.30
CA TYR B 97 6.67 -25.32 -13.57
C TYR B 97 6.35 -23.86 -13.26
N CYS B 98 7.31 -23.13 -12.65
CA CYS B 98 7.24 -21.67 -12.58
C CYS B 98 8.07 -21.10 -13.73
N ALA B 99 7.50 -20.09 -14.41
CA ALA B 99 8.20 -19.39 -15.47
C ALA B 99 8.10 -17.88 -15.24
N ALA B 100 8.90 -17.13 -16.01
CA ALA B 100 8.89 -15.67 -15.92
C ALA B 100 9.40 -15.03 -17.21
N SER B 101 9.07 -13.75 -17.40
CA SER B 101 9.63 -12.95 -18.47
C SER B 101 9.70 -11.48 -18.07
N ASP B 102 10.65 -10.76 -18.69
CA ASP B 102 10.90 -9.37 -18.35
C ASP B 102 10.41 -8.35 -19.40
N ASN B 103 10.32 -8.75 -20.67
CA ASN B 103 10.05 -7.80 -21.73
C ASN B 103 8.74 -8.02 -22.48
N ASP B 104 7.99 -9.05 -22.07
CA ASP B 104 6.75 -9.43 -22.71
C ASP B 104 5.97 -10.22 -21.67
N GLY B 105 4.66 -10.34 -21.86
CA GLY B 105 3.80 -11.10 -20.96
C GLY B 105 3.54 -12.53 -21.43
N ASN B 106 4.47 -13.10 -22.20
CA ASN B 106 4.38 -14.50 -22.60
C ASN B 106 4.84 -15.49 -21.52
N CYS B 107 5.67 -15.05 -20.58
CA CYS B 107 6.22 -15.92 -19.54
C CYS B 107 7.01 -17.13 -20.05
N GLN B 108 7.89 -16.91 -21.02
CA GLN B 108 8.62 -18.01 -21.66
C GLN B 108 10.14 -17.89 -21.57
N ASP B 109 10.65 -16.84 -20.92
CA ASP B 109 12.08 -16.57 -20.90
C ASP B 109 12.85 -17.48 -19.93
N TYR B 110 12.31 -17.64 -18.72
CA TYR B 110 12.94 -18.39 -17.65
C TYR B 110 12.02 -19.51 -17.16
N TRP B 111 12.60 -20.68 -16.88
CA TRP B 111 11.86 -21.83 -16.41
C TRP B 111 12.56 -22.52 -15.25
N GLY B 112 11.76 -23.05 -14.32
CA GLY B 112 12.27 -23.91 -13.26
C GLY B 112 12.36 -25.35 -13.72
N LYS B 113 12.78 -26.22 -12.80
CA LYS B 113 13.04 -27.63 -13.11
C LYS B 113 11.78 -28.49 -12.97
N GLY B 114 10.80 -28.01 -12.20
CA GLY B 114 9.52 -28.67 -12.05
C GLY B 114 9.37 -29.45 -10.73
N THR B 115 8.11 -29.63 -10.31
CA THR B 115 7.74 -30.53 -9.22
C THR B 115 6.54 -31.37 -9.63
N LEU B 116 6.65 -32.69 -9.41
CA LEU B 116 5.57 -33.60 -9.75
C LEU B 116 4.46 -33.48 -8.71
N VAL B 117 3.21 -33.46 -9.19
CA VAL B 117 2.04 -33.48 -8.32
C VAL B 117 1.16 -34.64 -8.78
N THR B 118 1.10 -35.69 -7.95
CA THR B 118 0.32 -36.88 -8.27
C THR B 118 -0.97 -36.91 -7.46
N VAL B 119 -2.08 -37.24 -8.13
CA VAL B 119 -3.38 -37.31 -7.50
C VAL B 119 -4.00 -38.64 -7.87
N SER B 120 -4.10 -39.55 -6.87
CA SER B 120 -4.76 -40.82 -7.05
C SER B 120 -5.09 -41.40 -5.68
N LYS C 2 -4.38 20.20 34.33
CA LYS C 2 -3.68 18.99 34.75
C LYS C 2 -4.53 17.74 34.60
N VAL C 3 -3.85 16.58 34.63
CA VAL C 3 -4.43 15.30 34.23
C VAL C 3 -5.32 14.72 35.31
N LEU C 4 -6.54 14.31 34.95
CA LEU C 4 -7.47 13.71 35.89
C LEU C 4 -7.39 12.19 35.82
N GLN C 5 -7.91 11.61 34.73
CA GLN C 5 -7.89 10.18 34.49
C GLN C 5 -6.73 9.82 33.57
N GLU C 6 -6.12 8.66 33.82
CA GLU C 6 -4.80 8.36 33.28
C GLU C 6 -4.92 7.83 31.85
N PRO C 7 -4.00 8.18 30.92
CA PRO C 7 -4.08 7.72 29.53
C PRO C 7 -4.15 6.19 29.44
N THR C 8 -5.13 5.68 28.69
CA THR C 8 -5.21 4.26 28.37
C THR C 8 -5.30 4.05 26.86
N CYS C 9 -4.74 2.93 26.38
CA CYS C 9 -4.54 2.69 24.97
C CYS C 9 -5.11 1.35 24.53
N VAL C 10 -5.42 1.26 23.22
CA VAL C 10 -5.75 0.01 22.54
C VAL C 10 -5.03 0.00 21.19
N SER C 11 -4.99 -1.16 20.53
CA SER C 11 -4.25 -1.33 19.28
C SER C 11 -5.05 -2.14 18.27
N ASP C 12 -5.04 -1.71 17.00
CA ASP C 12 -5.68 -2.46 15.93
C ASP C 12 -4.82 -3.59 15.34
N TYR C 13 -3.60 -3.73 15.87
CA TYR C 13 -2.67 -4.79 15.49
C TYR C 13 -2.22 -4.70 14.04
N MET C 14 -2.12 -3.47 13.52
CA MET C 14 -1.66 -3.19 12.17
C MET C 14 -0.68 -2.02 12.27
N SER C 15 -1.22 -0.81 12.45
CA SER C 15 -0.43 0.41 12.42
C SER C 15 -0.92 1.53 13.34
N ILE C 16 -2.09 1.36 13.98
CA ILE C 16 -2.70 2.43 14.76
C ILE C 16 -3.04 2.00 16.19
N SER C 17 -2.52 2.76 17.17
CA SER C 17 -2.91 2.64 18.56
C SER C 17 -3.62 3.91 19.01
N THR C 18 -4.77 3.73 19.68
CA THR C 18 -5.60 4.84 20.12
C THR C 18 -5.58 5.00 21.64
N CYS C 19 -5.17 6.18 22.12
CA CYS C 19 -5.06 6.46 23.54
C CYS C 19 -6.06 7.54 23.98
N GLU C 20 -6.49 7.47 25.25
CA GLU C 20 -7.50 8.36 25.79
C GLU C 20 -7.18 8.85 27.22
N TRP C 21 -7.30 10.17 27.42
CA TRP C 21 -7.20 10.75 28.75
C TRP C 21 -8.17 11.90 28.98
N LYS C 22 -8.27 12.34 30.25
CA LYS C 22 -9.17 13.41 30.66
C LYS C 22 -8.43 14.47 31.48
N MET C 23 -8.63 15.74 31.10
CA MET C 23 -8.12 16.88 31.86
C MET C 23 -9.22 17.35 32.81
N ASN C 24 -9.04 18.55 33.37
CA ASN C 24 -10.11 19.26 34.06
C ASN C 24 -10.51 20.48 33.24
N GLY C 25 -11.83 20.66 33.07
CA GLY C 25 -12.35 21.85 32.39
C GLY C 25 -12.09 21.85 30.89
N PRO C 26 -12.06 23.03 30.23
CA PRO C 26 -11.83 23.11 28.79
C PRO C 26 -10.34 23.02 28.46
N THR C 27 -10.00 22.17 27.47
CA THR C 27 -8.65 22.11 26.93
C THR C 27 -8.72 21.94 25.40
N ASN C 28 -7.85 22.69 24.69
CA ASN C 28 -7.63 22.49 23.26
C ASN C 28 -6.39 21.61 23.09
N CYS C 29 -6.61 20.35 22.65
CA CYS C 29 -5.56 19.35 22.65
C CYS C 29 -4.52 19.56 21.54
N SER C 30 -4.93 20.06 20.38
CA SER C 30 -4.02 20.22 19.25
C SER C 30 -2.97 21.32 19.48
N THR C 31 -3.30 22.29 20.33
CA THR C 31 -2.45 23.46 20.51
C THR C 31 -1.61 23.37 21.79
N GLU C 32 -2.18 22.80 22.85
CA GLU C 32 -1.55 22.82 24.17
C GLU C 32 -0.70 21.58 24.49
N LEU C 33 -1.17 20.41 24.02
CA LEU C 33 -0.62 19.13 24.42
C LEU C 33 0.10 18.38 23.29
N ARG C 34 1.06 17.54 23.69
CA ARG C 34 1.73 16.59 22.81
C ARG C 34 1.90 15.26 23.53
N LEU C 35 1.75 14.15 22.78
CA LEU C 35 2.00 12.82 23.32
C LEU C 35 3.19 12.18 22.59
N LEU C 36 4.28 11.99 23.33
CA LEU C 36 5.49 11.37 22.80
C LEU C 36 5.53 9.89 23.10
N TYR C 37 5.79 9.09 22.06
CA TYR C 37 5.84 7.64 22.21
C TYR C 37 7.11 7.11 21.54
N GLN C 38 7.65 6.03 22.09
CA GLN C 38 8.94 5.51 21.67
C GLN C 38 9.02 4.01 21.94
N LEU C 39 9.38 3.25 20.90
CA LEU C 39 9.53 1.80 21.02
C LEU C 39 10.80 1.50 21.81
N VAL C 40 10.67 0.64 22.84
CA VAL C 40 11.83 0.15 23.58
C VAL C 40 12.61 -0.78 22.65
N PHE C 41 13.72 -0.25 22.12
CA PHE C 41 14.41 -0.88 21.00
C PHE C 41 15.73 -0.14 20.77
N LEU C 42 16.78 -0.89 20.43
CA LEU C 42 18.09 -0.33 20.15
C LEU C 42 18.09 0.90 19.24
N LEU C 43 18.62 2.02 19.77
CA LEU C 43 18.79 3.29 19.06
C LEU C 43 17.48 3.96 18.68
N SER C 44 16.40 3.64 19.40
CA SER C 44 15.08 4.16 19.06
C SER C 44 15.02 5.68 19.18
N GLU C 45 14.09 6.28 18.42
CA GLU C 45 13.80 7.70 18.52
C GLU C 45 12.34 7.85 18.97
N ALA C 46 12.06 8.93 19.70
CA ALA C 46 10.69 9.24 20.11
C ALA C 46 9.95 9.86 18.93
N HIS C 47 8.72 9.39 18.68
CA HIS C 47 7.79 10.02 17.77
C HIS C 47 6.81 10.88 18.56
N THR C 48 6.12 11.79 17.87
CA THR C 48 5.26 12.76 18.53
C THR C 48 3.87 12.74 17.89
N CYS C 49 2.83 12.66 18.73
CA CYS C 49 1.45 12.56 18.30
C CYS C 49 0.68 13.78 18.80
N ILE C 50 0.12 14.56 17.85
CA ILE C 50 -0.71 15.72 18.17
C ILE C 50 -2.16 15.27 18.41
N PRO C 51 -2.72 15.44 19.64
CA PRO C 51 -4.04 14.88 19.94
C PRO C 51 -5.18 15.69 19.35
N GLU C 52 -6.36 15.06 19.25
CA GLU C 52 -7.60 15.74 18.89
C GLU C 52 -8.55 15.67 20.09
N ASN C 53 -9.52 16.59 20.10
CA ASN C 53 -10.46 16.71 21.21
C ASN C 53 -11.58 15.67 21.18
N ASN C 54 -11.92 15.17 22.37
CA ASN C 54 -13.10 14.36 22.59
C ASN C 54 -13.89 14.91 23.78
N GLY C 55 -14.47 16.10 23.56
CA GLY C 55 -15.40 16.69 24.51
C GLY C 55 -14.78 17.37 25.72
N GLY C 56 -14.65 18.70 25.66
CA GLY C 56 -14.39 19.55 26.81
C GLY C 56 -13.01 19.40 27.47
N ALA C 57 -12.85 18.30 28.21
CA ALA C 57 -11.62 18.03 28.96
C ALA C 57 -10.93 16.75 28.49
N GLY C 58 -11.38 16.21 27.34
CA GLY C 58 -10.92 14.91 26.87
C GLY C 58 -10.11 14.99 25.58
N CYS C 59 -9.04 14.19 25.52
CA CYS C 59 -8.22 14.13 24.33
C CYS C 59 -8.09 12.69 23.82
N VAL C 60 -7.86 12.56 22.51
CA VAL C 60 -7.57 11.28 21.89
C VAL C 60 -6.39 11.44 20.94
N CYS C 61 -5.51 10.42 20.87
CA CYS C 61 -4.36 10.43 19.99
C CYS C 61 -4.36 9.11 19.22
N HIS C 62 -4.01 9.19 17.93
CA HIS C 62 -3.84 8.01 17.10
C HIS C 62 -2.36 7.82 16.82
N LEU C 63 -1.74 6.88 17.54
CA LEU C 63 -0.30 6.66 17.49
C LEU C 63 0.03 5.83 16.25
N LEU C 64 0.77 6.40 15.30
CA LEU C 64 1.13 5.66 14.10
C LEU C 64 2.32 4.78 14.41
N MET C 65 2.29 3.56 13.88
CA MET C 65 3.27 2.54 14.20
C MET C 65 3.64 1.75 12.96
N ASP C 66 4.93 1.42 12.86
CA ASP C 66 5.49 0.74 11.70
C ASP C 66 4.82 -0.62 11.52
N ASP C 67 4.49 -1.23 12.66
CA ASP C 67 4.11 -2.63 12.70
C ASP C 67 3.61 -2.92 14.12
N VAL C 68 2.99 -4.08 14.32
CA VAL C 68 2.69 -4.55 15.66
C VAL C 68 3.08 -6.02 15.76
N VAL C 69 4.06 -6.32 16.61
CA VAL C 69 4.39 -7.68 16.99
C VAL C 69 4.29 -7.75 18.51
N SER C 70 4.08 -8.96 19.05
CA SER C 70 3.64 -9.13 20.42
C SER C 70 4.62 -8.69 21.50
N ALA C 71 5.91 -8.59 21.17
CA ALA C 71 6.91 -8.16 22.15
C ALA C 71 7.09 -6.63 22.20
N ASP C 72 6.50 -5.92 21.24
CA ASP C 72 6.54 -4.47 21.21
C ASP C 72 6.00 -3.81 22.48
N ASN C 73 6.83 -2.96 23.09
CA ASN C 73 6.47 -2.16 24.24
C ASN C 73 6.91 -0.71 24.01
N TYR C 74 6.03 0.24 24.36
CA TYR C 74 6.31 1.66 24.18
C TYR C 74 6.33 2.43 25.49
N THR C 75 7.20 3.44 25.59
CA THR C 75 7.10 4.44 26.65
C THR C 75 6.29 5.65 26.15
N LEU C 76 5.47 6.22 27.04
CA LEU C 76 4.54 7.29 26.73
C LEU C 76 4.77 8.52 27.63
N ASP C 77 5.01 9.67 27.01
CA ASP C 77 5.23 10.92 27.70
C ASP C 77 4.26 12.01 27.24
N LEU C 78 3.37 12.42 28.16
CA LEU C 78 2.47 13.53 27.92
C LEU C 78 3.12 14.83 28.38
N TRP C 79 3.32 15.76 27.42
CA TRP C 79 3.85 17.07 27.70
C TRP C 79 2.77 18.15 27.57
N ALA C 80 3.01 19.28 28.22
CA ALA C 80 2.20 20.48 28.05
C ALA C 80 3.21 21.62 27.92
N GLY C 81 3.58 21.91 26.66
CA GLY C 81 4.66 22.83 26.38
C GLY C 81 6.01 22.28 26.83
N GLN C 82 6.65 22.99 27.76
CA GLN C 82 7.93 22.60 28.30
C GLN C 82 7.77 21.81 29.60
N GLN C 83 6.51 21.61 30.01
CA GLN C 83 6.18 20.89 31.24
C GLN C 83 5.71 19.46 30.96
N LEU C 84 6.35 18.49 31.63
CA LEU C 84 5.99 17.09 31.51
C LEU C 84 4.94 16.72 32.55
N LEU C 85 3.76 16.29 32.07
CA LEU C 85 2.62 16.00 32.92
C LEU C 85 2.56 14.56 33.41
N TRP C 86 3.03 13.62 32.57
CA TRP C 86 2.79 12.20 32.77
C TRP C 86 3.76 11.30 32.01
N LYS C 87 4.25 10.27 32.70
CA LYS C 87 5.04 9.20 32.11
C LYS C 87 4.29 7.88 32.26
N GLY C 88 4.35 7.04 31.21
CA GLY C 88 3.75 5.71 31.25
C GLY C 88 4.31 4.75 30.23
N SER C 89 3.62 3.63 30.00
CA SER C 89 4.05 2.64 29.03
C SER C 89 2.85 1.91 28.46
N PHE C 90 3.04 1.28 27.29
CA PHE C 90 1.95 0.60 26.62
C PHE C 90 2.44 -0.57 25.78
N LYS C 91 1.76 -1.72 25.91
CA LYS C 91 2.04 -2.91 25.11
C LYS C 91 0.83 -3.29 24.24
N PRO C 92 0.88 -2.99 22.92
CA PRO C 92 -0.25 -3.24 22.01
C PRO C 92 -0.91 -4.61 22.06
N SER C 93 -0.10 -5.67 22.24
CA SER C 93 -0.62 -7.03 22.27
C SER C 93 -1.33 -7.40 23.56
N GLU C 94 -1.34 -6.47 24.54
CA GLU C 94 -2.13 -6.66 25.75
C GLU C 94 -3.51 -6.00 25.70
N HIS C 95 -3.79 -5.30 24.59
CA HIS C 95 -4.96 -4.45 24.47
C HIS C 95 -5.34 -4.35 22.99
N VAL C 96 -5.84 -5.46 22.43
CA VAL C 96 -6.23 -5.48 21.02
C VAL C 96 -7.69 -5.05 20.87
N LYS C 97 -7.91 -4.05 20.01
CA LYS C 97 -9.25 -3.70 19.58
C LYS C 97 -9.26 -3.63 18.05
N PRO C 98 -9.78 -4.66 17.36
CA PRO C 98 -9.74 -4.71 15.90
C PRO C 98 -10.55 -3.61 15.25
N ARG C 99 -10.31 -3.40 13.94
CA ARG C 99 -11.01 -2.41 13.16
C ARG C 99 -12.46 -2.83 12.93
N ALA C 100 -13.32 -1.84 12.75
CA ALA C 100 -14.73 -2.11 12.44
C ALA C 100 -14.78 -2.65 11.01
N PRO C 101 -15.58 -3.70 10.72
CA PRO C 101 -15.89 -4.03 9.35
C PRO C 101 -16.61 -2.90 8.62
N GLY C 102 -16.76 -3.05 7.31
CA GLY C 102 -17.33 -2.02 6.47
C GLY C 102 -18.04 -2.62 5.26
N ASN C 103 -18.65 -1.71 4.48
CA ASN C 103 -19.30 -2.05 3.23
C ASN C 103 -20.40 -3.09 3.42
N LEU C 104 -21.13 -2.98 4.54
CA LEU C 104 -22.19 -3.91 4.86
C LEU C 104 -23.34 -3.74 3.85
N THR C 105 -23.72 -4.84 3.20
CA THR C 105 -24.72 -4.85 2.14
C THR C 105 -25.73 -5.99 2.31
N VAL C 106 -27.02 -5.65 2.17
CA VAL C 106 -28.09 -6.63 2.11
C VAL C 106 -28.48 -6.89 0.65
N HIS C 107 -28.75 -8.16 0.30
CA HIS C 107 -29.12 -8.54 -1.06
C HIS C 107 -30.55 -9.07 -1.09
N THR C 108 -31.37 -8.45 -1.95
CA THR C 108 -32.79 -8.72 -2.06
C THR C 108 -33.19 -9.75 -3.13
N ASN C 109 -32.19 -10.28 -3.84
CA ASN C 109 -32.41 -10.94 -5.12
C ASN C 109 -32.86 -12.40 -5.07
N VAL C 110 -33.01 -12.94 -3.85
CA VAL C 110 -33.48 -14.30 -3.64
C VAL C 110 -34.63 -14.31 -2.65
N SER C 111 -35.81 -14.75 -3.11
CA SER C 111 -36.90 -15.12 -2.24
C SER C 111 -36.47 -16.19 -1.24
N ASP C 112 -37.13 -16.21 -0.07
CA ASP C 112 -36.90 -17.21 0.97
C ASP C 112 -35.66 -16.92 1.83
N THR C 113 -34.52 -16.62 1.20
CA THR C 113 -33.27 -16.40 1.92
C THR C 113 -32.67 -15.01 1.65
N LEU C 114 -32.38 -14.26 2.72
CA LEU C 114 -31.62 -13.03 2.67
C LEU C 114 -30.11 -13.28 2.73
N LEU C 115 -29.35 -12.44 2.03
CA LEU C 115 -27.90 -12.51 2.04
C LEU C 115 -27.29 -11.18 2.47
N LEU C 116 -26.51 -11.21 3.57
CA LEU C 116 -25.70 -10.07 3.98
C LEU C 116 -24.21 -10.32 3.75
N THR C 117 -23.53 -9.33 3.15
CA THR C 117 -22.09 -9.37 2.94
C THR C 117 -21.46 -8.10 3.49
N TRP C 118 -20.13 -8.15 3.69
CA TRP C 118 -19.37 -7.05 4.27
C TRP C 118 -17.87 -7.36 4.17
N SER C 119 -17.01 -6.37 4.41
CA SER C 119 -15.58 -6.56 4.26
C SER C 119 -14.82 -6.68 5.57
N ASN C 120 -13.90 -7.66 5.61
CA ASN C 120 -12.83 -7.74 6.59
C ASN C 120 -11.90 -6.55 6.39
N PRO C 121 -11.69 -5.70 7.43
CA PRO C 121 -10.86 -4.50 7.27
C PRO C 121 -9.35 -4.70 7.22
N TYR C 122 -8.89 -5.95 7.29
CA TYR C 122 -7.46 -6.26 7.30
C TYR C 122 -6.97 -6.84 5.98
N PRO C 123 -5.67 -6.66 5.63
CA PRO C 123 -5.09 -7.31 4.47
C PRO C 123 -4.81 -8.79 4.76
N PRO C 124 -4.79 -9.67 3.72
CA PRO C 124 -4.59 -11.11 3.90
C PRO C 124 -3.42 -11.57 4.78
N ASP C 125 -2.38 -10.73 4.91
CA ASP C 125 -1.15 -11.12 5.59
C ASP C 125 -1.03 -10.65 7.04
N ASN C 126 -2.08 -10.02 7.57
CA ASN C 126 -2.20 -9.75 8.99
C ASN C 126 -2.73 -10.99 9.70
N TYR C 127 -2.39 -11.16 10.98
CA TYR C 127 -2.84 -12.32 11.73
C TYR C 127 -4.36 -12.37 11.82
N LEU C 128 -4.96 -11.22 12.16
CA LEU C 128 -6.38 -11.14 12.46
C LEU C 128 -7.23 -11.49 11.24
N TYR C 129 -6.75 -11.22 10.03
CA TYR C 129 -7.48 -11.53 8.82
C TYR C 129 -8.11 -12.93 8.81
N ASN C 130 -7.39 -13.93 9.33
CA ASN C 130 -7.90 -15.29 9.39
C ASN C 130 -8.59 -15.65 10.71
N HIS C 131 -8.69 -14.69 11.64
CA HIS C 131 -9.03 -14.98 13.02
C HIS C 131 -10.13 -14.06 13.53
N LEU C 132 -10.92 -13.47 12.63
CA LEU C 132 -11.97 -12.56 13.06
C LEU C 132 -13.31 -13.30 13.16
N THR C 133 -13.94 -13.20 14.33
CA THR C 133 -15.34 -13.49 14.53
C THR C 133 -16.16 -12.23 14.27
N TYR C 134 -17.40 -12.41 13.83
CA TYR C 134 -18.29 -11.28 13.61
C TYR C 134 -19.64 -11.43 14.34
N ALA C 135 -20.22 -10.28 14.70
CA ALA C 135 -21.54 -10.26 15.28
C ALA C 135 -22.42 -9.34 14.42
N VAL C 136 -23.52 -9.91 13.89
CA VAL C 136 -24.41 -9.18 13.00
C VAL C 136 -25.67 -8.89 13.79
N ASN C 137 -26.03 -7.61 13.86
CA ASN C 137 -27.17 -7.18 14.64
C ASN C 137 -28.22 -6.56 13.72
N ILE C 138 -29.40 -7.20 13.67
CA ILE C 138 -30.53 -6.75 12.86
C ILE C 138 -31.68 -6.32 13.78
N TRP C 139 -32.32 -5.19 13.49
CA TRP C 139 -33.48 -4.76 14.25
C TRP C 139 -34.42 -3.85 13.44
N SER C 140 -35.72 -3.88 13.77
CA SER C 140 -36.69 -3.04 13.08
C SER C 140 -36.50 -1.59 13.53
N GLU C 141 -36.54 -0.65 12.57
CA GLU C 141 -36.05 0.70 12.81
C GLU C 141 -36.71 1.42 13.98
N ASN C 142 -38.02 1.27 14.15
CA ASN C 142 -38.72 1.92 15.24
C ASN C 142 -39.04 1.04 16.46
N ASP C 143 -38.60 -0.23 16.43
CA ASP C 143 -38.82 -1.17 17.52
C ASP C 143 -37.57 -2.01 17.77
N PRO C 144 -36.60 -1.47 18.54
CA PRO C 144 -35.36 -2.19 18.82
C PRO C 144 -35.49 -3.54 19.53
N ALA C 145 -36.65 -3.80 20.15
CA ALA C 145 -36.90 -5.03 20.89
C ALA C 145 -37.16 -6.21 19.94
N ASP C 146 -37.59 -5.90 18.71
CA ASP C 146 -37.61 -6.85 17.60
C ASP C 146 -36.24 -6.90 16.92
N PHE C 147 -35.38 -7.83 17.38
CA PHE C 147 -33.99 -7.88 16.94
C PHE C 147 -33.48 -9.29 16.73
N ARG C 148 -32.29 -9.39 16.11
CA ARG C 148 -31.56 -10.63 15.99
C ARG C 148 -30.08 -10.35 16.17
N ILE C 149 -29.37 -11.31 16.80
CA ILE C 149 -27.91 -11.31 16.85
C ILE C 149 -27.44 -12.62 16.25
N TYR C 150 -26.51 -12.54 15.29
CA TYR C 150 -25.92 -13.72 14.69
C TYR C 150 -24.41 -13.72 14.95
N ASN C 151 -23.91 -14.84 15.45
CA ASN C 151 -22.47 -15.09 15.54
C ASN C 151 -21.97 -15.74 14.25
N VAL C 152 -21.01 -15.08 13.58
CA VAL C 152 -20.39 -15.63 12.39
C VAL C 152 -18.93 -16.02 12.68
N THR C 153 -18.69 -17.32 12.81
CA THR C 153 -17.38 -17.83 13.17
C THR C 153 -16.68 -18.62 12.05
N TYR C 154 -17.34 -18.69 10.88
CA TYR C 154 -16.83 -19.49 9.77
C TYR C 154 -15.89 -18.73 8.84
N LEU C 155 -15.36 -17.59 9.31
CA LEU C 155 -14.22 -16.91 8.70
C LEU C 155 -14.50 -16.48 7.28
N GLU C 156 -15.64 -15.81 7.11
CA GLU C 156 -16.12 -15.39 5.80
C GLU C 156 -17.19 -14.35 6.07
N PRO C 157 -17.06 -13.12 5.55
CA PRO C 157 -17.99 -12.04 5.92
C PRO C 157 -19.29 -12.14 5.13
N SER C 158 -20.08 -13.17 5.44
CA SER C 158 -21.39 -13.36 4.85
C SER C 158 -22.36 -14.01 5.84
N LEU C 159 -23.65 -13.72 5.67
CA LEU C 159 -24.71 -14.26 6.49
C LEU C 159 -25.97 -14.47 5.65
N ARG C 160 -26.67 -15.58 5.92
CA ARG C 160 -27.90 -15.92 5.25
C ARG C 160 -28.99 -16.11 6.30
N ILE C 161 -30.17 -15.56 6.02
CA ILE C 161 -31.27 -15.57 6.99
C ILE C 161 -32.58 -15.85 6.26
N ALA C 162 -33.43 -16.68 6.86
CA ALA C 162 -34.75 -16.95 6.33
C ALA C 162 -35.62 -15.69 6.38
N ALA C 163 -36.09 -15.22 5.21
CA ALA C 163 -36.87 -14.00 5.11
C ALA C 163 -38.14 -14.04 5.98
N SER C 164 -38.68 -15.25 6.17
CA SER C 164 -39.85 -15.45 7.02
C SER C 164 -39.63 -15.15 8.50
N THR C 165 -38.37 -14.96 8.91
CA THR C 165 -38.06 -14.58 10.28
C THR C 165 -38.20 -13.08 10.54
N LEU C 166 -38.34 -12.30 9.46
CA LEU C 166 -38.50 -10.86 9.59
C LEU C 166 -39.87 -10.46 9.06
N LYS C 167 -40.48 -9.48 9.71
CA LYS C 167 -41.80 -8.99 9.36
C LYS C 167 -41.77 -8.29 7.99
N SER C 168 -42.87 -8.41 7.25
CA SER C 168 -43.00 -7.77 5.95
C SER C 168 -43.71 -6.41 6.09
N GLY C 169 -43.42 -5.50 5.16
CA GLY C 169 -43.90 -4.13 5.25
C GLY C 169 -43.15 -3.26 6.26
N ILE C 170 -42.16 -3.85 6.94
CA ILE C 170 -41.36 -3.13 7.93
C ILE C 170 -39.94 -2.98 7.38
N SER C 171 -39.29 -1.88 7.75
CA SER C 171 -37.88 -1.64 7.44
C SER C 171 -36.97 -2.00 8.61
N TYR C 172 -35.84 -2.64 8.27
CA TYR C 172 -34.85 -3.11 9.23
C TYR C 172 -33.51 -2.41 9.03
N ARG C 173 -32.76 -2.31 10.13
CA ARG C 173 -31.37 -1.89 10.12
C ARG C 173 -30.47 -3.09 10.38
N ALA C 174 -29.19 -2.94 10.01
CA ALA C 174 -28.20 -3.96 10.31
C ALA C 174 -26.82 -3.32 10.50
N ARG C 175 -26.04 -3.88 11.44
CA ARG C 175 -24.66 -3.48 11.64
C ARG C 175 -23.85 -4.71 12.07
N VAL C 176 -22.52 -4.58 11.97
CA VAL C 176 -21.63 -5.69 12.28
C VAL C 176 -20.37 -5.18 12.96
N ARG C 177 -19.89 -5.98 13.92
CA ARG C 177 -18.64 -5.73 14.63
C ARG C 177 -17.74 -6.98 14.61
N ALA C 178 -16.48 -6.81 15.00
CA ALA C 178 -15.48 -7.87 14.87
C ALA C 178 -14.79 -8.18 16.20
N TRP C 179 -14.50 -9.46 16.39
CA TRP C 179 -13.78 -9.94 17.58
C TRP C 179 -12.58 -10.78 17.13
N ALA C 180 -11.42 -10.54 17.77
CA ALA C 180 -10.21 -11.26 17.41
C ALA C 180 -10.03 -12.51 18.27
N GLN C 181 -9.75 -13.65 17.63
CA GLN C 181 -9.48 -14.90 18.34
C GLN C 181 -8.17 -14.89 19.14
N CYS C 182 -7.40 -13.80 19.03
CA CYS C 182 -6.26 -13.56 19.88
C CYS C 182 -6.65 -13.43 21.36
N TYR C 183 -5.62 -13.35 22.20
CA TYR C 183 -5.76 -13.00 23.60
C TYR C 183 -6.04 -11.51 23.72
N ASN C 184 -6.37 -11.10 24.96
CA ASN C 184 -6.57 -9.70 25.31
C ASN C 184 -7.18 -8.89 24.15
N THR C 185 -8.37 -9.31 23.69
CA THR C 185 -9.09 -8.59 22.66
C THR C 185 -10.44 -8.12 23.23
N THR C 186 -10.90 -6.97 22.74
CA THR C 186 -12.27 -6.49 22.94
C THR C 186 -12.94 -6.33 21.58
N TRP C 187 -14.26 -6.10 21.60
CA TRP C 187 -15.01 -5.90 20.37
C TRP C 187 -14.59 -4.62 19.64
N SER C 188 -14.58 -4.69 18.31
CA SER C 188 -14.46 -3.51 17.48
C SER C 188 -15.66 -2.59 17.66
N GLU C 189 -15.55 -1.38 17.11
CA GLU C 189 -16.71 -0.51 16.93
C GLU C 189 -17.67 -1.18 15.96
N TRP C 190 -18.92 -0.69 15.94
CA TRP C 190 -19.86 -1.10 14.90
C TRP C 190 -19.51 -0.50 13.56
N SER C 191 -19.71 -1.29 12.49
CA SER C 191 -19.82 -0.76 11.15
C SER C 191 -20.85 0.37 11.11
N PRO C 192 -20.80 1.25 10.10
CA PRO C 192 -22.00 2.00 9.70
C PRO C 192 -23.11 0.97 9.46
N SER C 193 -24.36 1.36 9.72
CA SER C 193 -25.47 0.43 9.55
C SER C 193 -26.10 0.62 8.17
N THR C 194 -26.88 -0.39 7.73
CA THR C 194 -27.60 -0.37 6.48
C THR C 194 -29.08 -0.54 6.76
N LYS C 195 -29.92 -0.09 5.81
CA LYS C 195 -31.36 -0.15 5.97
C LYS C 195 -31.97 -0.74 4.71
N TRP C 196 -32.96 -1.61 4.87
CA TRP C 196 -33.78 -2.04 3.76
C TRP C 196 -35.21 -2.22 4.22
N HIS C 197 -36.14 -2.17 3.26
CA HIS C 197 -37.54 -2.49 3.50
C HIS C 197 -37.71 -3.98 3.24
N ASN C 198 -38.19 -4.71 4.25
CA ASN C 198 -38.42 -6.14 4.11
C ASN C 198 -39.84 -6.34 3.58
N SER C 199 -40.03 -7.39 2.78
CA SER C 199 -41.32 -7.77 2.23
C SER C 199 -41.13 -8.78 1.12
N TYR C 200 -42.07 -9.72 1.00
CA TYR C 200 -42.02 -10.76 -0.02
C TYR C 200 -43.43 -11.42 -0.16
N GLU D 3 19.85 -22.26 16.99
CA GLU D 3 20.04 -20.82 17.13
C GLU D 3 20.90 -20.29 15.97
N VAL D 4 20.92 -18.96 15.84
CA VAL D 4 21.37 -18.30 14.62
C VAL D 4 22.88 -18.13 14.61
N GLN D 5 23.49 -18.36 13.45
CA GLN D 5 24.90 -18.08 13.25
C GLN D 5 25.08 -16.97 12.22
N LEU D 6 26.10 -16.12 12.42
CA LEU D 6 26.27 -14.89 11.67
C LEU D 6 27.72 -14.71 11.23
N GLN D 7 27.91 -14.31 9.96
CA GLN D 7 29.22 -14.14 9.37
C GLN D 7 29.31 -12.83 8.59
N GLU D 8 30.10 -11.86 9.07
CA GLU D 8 30.29 -10.61 8.35
C GLU D 8 31.31 -10.74 7.24
N SER D 9 31.30 -9.75 6.32
CA SER D 9 32.35 -9.56 5.32
C SER D 9 32.28 -8.14 4.76
N GLY D 10 33.34 -7.73 4.05
CA GLY D 10 33.33 -6.48 3.29
C GLY D 10 34.24 -5.37 3.83
N GLY D 11 35.06 -5.67 4.84
CA GLY D 11 36.00 -4.71 5.41
C GLY D 11 37.30 -4.57 4.62
N GLY D 12 38.16 -3.64 5.06
CA GLY D 12 39.41 -3.33 4.39
C GLY D 12 39.91 -1.92 4.70
N LEU D 13 40.95 -1.48 4.00
CA LEU D 13 41.51 -0.14 4.16
C LEU D 13 40.70 0.80 3.25
N VAL D 14 40.52 2.05 3.71
CA VAL D 14 39.78 3.05 2.93
C VAL D 14 40.37 4.44 3.11
N GLN D 15 40.14 5.32 2.12
CA GLN D 15 40.55 6.71 2.18
C GLN D 15 39.53 7.51 2.99
N PRO D 16 39.95 8.45 3.88
CA PRO D 16 38.98 9.37 4.49
C PRO D 16 38.17 10.12 3.44
N GLY D 17 36.83 10.08 3.56
CA GLY D 17 35.94 10.64 2.57
C GLY D 17 35.25 9.58 1.70
N GLY D 18 35.94 8.45 1.50
CA GLY D 18 35.45 7.35 0.69
C GLY D 18 34.38 6.52 1.39
N SER D 19 33.94 5.45 0.69
CA SER D 19 32.82 4.64 1.15
C SER D 19 33.16 3.15 1.22
N LEU D 20 32.23 2.38 1.77
CA LEU D 20 32.37 0.94 1.95
C LEU D 20 31.00 0.30 2.17
N ARG D 21 30.91 -1.00 1.90
CA ARG D 21 29.69 -1.76 2.12
C ARG D 21 30.04 -3.05 2.88
N LEU D 22 29.39 -3.25 4.03
CA LEU D 22 29.55 -4.47 4.81
C LEU D 22 28.36 -5.39 4.57
N SER D 23 28.57 -6.69 4.81
CA SER D 23 27.53 -7.69 4.68
C SER D 23 27.61 -8.69 5.84
N CYS D 24 26.47 -9.33 6.11
CA CYS D 24 26.36 -10.29 7.20
C CYS D 24 25.30 -11.32 6.83
N ALA D 25 25.76 -12.47 6.33
CA ALA D 25 24.90 -13.61 6.08
C ALA D 25 24.45 -14.24 7.40
N ALA D 26 23.18 -14.68 7.44
CA ALA D 26 22.62 -15.39 8.58
C ALA D 26 22.29 -16.82 8.17
N SER D 27 22.49 -17.77 9.11
CA SER D 27 22.23 -19.17 8.86
C SER D 27 20.74 -19.52 8.95
N GLY D 28 19.91 -18.54 9.32
CA GLY D 28 18.46 -18.68 9.37
C GLY D 28 17.75 -17.38 9.01
N SER D 29 16.42 -17.45 8.91
CA SER D 29 15.60 -16.34 8.46
C SER D 29 15.82 -15.04 9.22
N THR D 30 16.31 -14.01 8.51
CA THR D 30 16.36 -12.66 9.03
C THR D 30 14.99 -12.12 9.46
N SER D 31 13.94 -12.56 8.75
CA SER D 31 12.58 -12.07 8.94
C SER D 31 11.94 -12.48 10.27
N TYR D 32 12.48 -13.53 10.90
CA TYR D 32 12.01 -13.97 12.21
C TYR D 32 12.77 -13.30 13.37
N ARG D 33 13.79 -12.51 13.08
CA ARG D 33 14.49 -11.76 14.11
C ARG D 33 13.66 -10.54 14.49
N TYR D 34 13.72 -10.16 15.77
CA TYR D 34 13.07 -8.96 16.28
C TYR D 34 13.96 -7.74 16.02
N CYS D 35 15.26 -7.87 16.32
CA CYS D 35 16.21 -6.79 16.16
C CYS D 35 17.40 -7.33 15.34
N MET D 36 18.00 -6.45 14.55
CA MET D 36 19.26 -6.73 13.88
C MET D 36 20.02 -5.41 13.80
N ALA D 37 21.33 -5.45 14.09
CA ALA D 37 22.09 -4.22 14.22
C ALA D 37 23.57 -4.40 13.92
N TRP D 38 24.23 -3.27 13.67
CA TRP D 38 25.68 -3.18 13.60
C TRP D 38 26.17 -2.47 14.86
N PHE D 39 27.23 -3.04 15.46
CA PHE D 39 27.97 -2.42 16.55
C PHE D 39 29.41 -2.29 16.08
N ARG D 40 30.23 -1.53 16.84
CA ARG D 40 31.64 -1.39 16.54
C ARG D 40 32.48 -1.20 17.79
N GLN D 41 33.77 -1.59 17.70
CA GLN D 41 34.66 -1.55 18.84
C GLN D 41 35.55 -0.31 18.90
N ALA D 42 36.54 -0.23 17.99
CA ALA D 42 37.66 0.71 18.06
C ALA D 42 38.66 0.31 19.13
N PRO D 43 39.98 0.41 18.86
CA PRO D 43 40.99 -0.32 19.65
C PRO D 43 40.86 -0.21 21.16
N GLY D 44 41.05 1.01 21.71
CA GLY D 44 41.08 1.19 23.15
C GLY D 44 39.72 1.40 23.80
N LYS D 45 38.63 1.07 23.09
CA LYS D 45 37.30 1.53 23.49
C LYS D 45 36.31 0.36 23.62
N GLY D 46 35.19 0.63 24.29
CA GLY D 46 34.12 -0.35 24.43
C GLY D 46 33.16 -0.35 23.25
N LEU D 47 32.32 -1.38 23.19
CA LEU D 47 31.35 -1.53 22.12
C LEU D 47 30.34 -0.38 22.10
N GLU D 48 29.95 0.03 20.88
CA GLU D 48 28.85 0.97 20.70
C GLU D 48 27.99 0.60 19.49
N ALA D 49 26.67 0.62 19.68
CA ALA D 49 25.72 0.41 18.60
C ALA D 49 25.84 1.54 17.59
N VAL D 50 25.76 1.19 16.30
CA VAL D 50 25.83 2.18 15.23
C VAL D 50 24.48 2.33 14.53
N ALA D 51 23.89 1.20 14.14
CA ALA D 51 22.63 1.21 13.41
C ALA D 51 21.83 -0.05 13.70
N SER D 52 20.49 0.07 13.77
CA SER D 52 19.63 -1.07 13.99
C SER D 52 18.45 -1.10 13.03
N ILE D 53 17.79 -2.26 12.91
CA ILE D 53 16.69 -2.42 11.98
C ILE D 53 15.62 -3.39 12.49
N ARG D 54 14.37 -3.08 12.13
CA ARG D 54 13.22 -3.96 12.29
C ARG D 54 13.07 -4.77 10.99
N PRO D 55 13.45 -6.08 11.00
CA PRO D 55 13.53 -6.85 9.75
C PRO D 55 12.27 -6.97 8.91
N ARG D 56 11.10 -7.07 9.55
CA ARG D 56 9.85 -7.17 8.82
C ARG D 56 9.51 -5.90 8.05
N SER D 57 9.42 -4.77 8.76
CA SER D 57 8.95 -3.52 8.17
C SER D 57 10.06 -2.79 7.42
N GLY D 58 11.30 -2.93 7.92
CA GLY D 58 12.45 -2.26 7.34
C GLY D 58 12.86 -0.97 8.06
N ARG D 59 12.06 -0.57 9.06
CA ARG D 59 12.33 0.64 9.83
C ARG D 59 13.69 0.59 10.52
N ALA D 60 14.50 1.62 10.26
CA ALA D 60 15.91 1.64 10.65
C ALA D 60 16.19 2.77 11.63
N TYR D 61 17.15 2.54 12.54
CA TYR D 61 17.55 3.52 13.54
C TYR D 61 19.07 3.70 13.56
N TYR D 62 19.52 4.89 13.95
CA TYR D 62 20.92 5.27 13.82
C TYR D 62 21.41 6.07 15.02
N ALA D 63 22.67 5.83 15.41
CA ALA D 63 23.34 6.68 16.37
C ALA D 63 23.72 7.99 15.67
N ASP D 64 23.76 9.07 16.46
CA ASP D 64 24.03 10.41 15.94
C ASP D 64 25.28 10.50 15.08
N SER D 65 26.36 9.83 15.52
CA SER D 65 27.64 9.89 14.85
C SER D 65 27.67 9.33 13.42
N VAL D 66 26.65 8.56 13.03
CA VAL D 66 26.56 8.00 11.69
C VAL D 66 25.36 8.49 10.89
N LYS D 67 24.51 9.31 11.52
CA LYS D 67 23.30 9.82 10.89
C LYS D 67 23.70 10.68 9.68
N GLY D 68 23.11 10.37 8.54
CA GLY D 68 23.39 11.09 7.30
C GLY D 68 24.49 10.45 6.45
N ARG D 69 25.25 9.53 7.04
CA ARG D 69 26.39 8.91 6.36
C ARG D 69 26.24 7.40 6.16
N PHE D 70 25.78 6.68 7.20
CA PHE D 70 25.56 5.25 7.12
C PHE D 70 24.09 4.92 6.83
N THR D 71 23.87 3.82 6.11
CA THR D 71 22.54 3.29 5.87
C THR D 71 22.53 1.79 6.17
N ILE D 72 21.53 1.33 6.94
CA ILE D 72 21.36 -0.08 7.24
C ILE D 72 20.14 -0.58 6.45
N SER D 73 20.25 -1.81 5.94
CA SER D 73 19.22 -2.42 5.11
C SER D 73 19.32 -3.94 5.20
N ARG D 74 18.32 -4.64 4.67
CA ARG D 74 18.31 -6.08 4.71
C ARG D 74 17.61 -6.66 3.49
N ASP D 75 18.12 -7.81 3.03
CA ASP D 75 17.53 -8.58 1.95
C ASP D 75 17.08 -9.91 2.56
N ASN D 76 15.78 -9.99 2.88
CA ASN D 76 15.25 -11.15 3.58
C ASN D 76 15.35 -12.44 2.75
N SER D 77 15.36 -12.31 1.42
CA SER D 77 15.45 -13.46 0.53
C SER D 77 16.85 -14.08 0.49
N LYS D 78 17.87 -13.31 0.91
CA LYS D 78 19.22 -13.82 1.06
C LYS D 78 19.62 -14.03 2.52
N ASN D 79 18.70 -13.73 3.46
CA ASN D 79 18.99 -13.72 4.88
C ASN D 79 20.26 -12.93 5.18
N THR D 80 20.32 -11.68 4.68
CA THR D 80 21.53 -10.88 4.68
C THR D 80 21.26 -9.45 5.14
N LEU D 81 22.22 -8.91 5.91
CA LEU D 81 22.15 -7.56 6.44
C LEU D 81 23.32 -6.75 5.88
N TYR D 82 23.08 -5.48 5.56
CA TYR D 82 24.08 -4.62 4.93
C TYR D 82 24.31 -3.32 5.71
N LEU D 83 25.53 -2.76 5.59
CA LEU D 83 25.82 -1.45 6.13
C LEU D 83 26.63 -0.62 5.13
N GLN D 84 25.92 0.22 4.37
CA GLN D 84 26.53 1.18 3.46
C GLN D 84 27.14 2.31 4.26
N MET D 85 28.46 2.48 4.13
CA MET D 85 29.22 3.46 4.88
C MET D 85 29.77 4.54 3.95
N ASN D 86 29.22 5.75 4.02
CA ASN D 86 29.65 6.86 3.19
C ASN D 86 30.32 7.94 4.04
N SER D 87 31.05 8.85 3.38
CA SER D 87 31.76 9.92 4.07
C SER D 87 32.51 9.42 5.30
N LEU D 88 33.38 8.42 5.10
CA LEU D 88 34.12 7.80 6.18
C LEU D 88 35.17 8.76 6.75
N ARG D 89 35.29 8.76 8.08
CA ARG D 89 36.25 9.60 8.80
C ARG D 89 37.20 8.70 9.57
N ALA D 90 38.33 9.28 10.04
CA ALA D 90 39.28 8.57 10.87
C ALA D 90 38.62 8.02 12.14
N GLU D 91 37.64 8.76 12.66
CA GLU D 91 36.88 8.37 13.84
C GLU D 91 36.13 7.05 13.70
N ASP D 92 35.80 6.66 12.47
CA ASP D 92 35.05 5.43 12.21
C ASP D 92 35.90 4.15 12.19
N THR D 93 37.21 4.28 12.43
CA THR D 93 38.12 3.15 12.50
C THR D 93 37.76 2.19 13.63
N ALA D 94 37.37 0.96 13.28
CA ALA D 94 36.98 -0.02 14.28
C ALA D 94 36.76 -1.42 13.70
N MET D 95 36.58 -2.38 14.62
CA MET D 95 36.07 -3.70 14.28
C MET D 95 34.54 -3.61 14.33
N TYR D 96 33.89 -4.08 13.24
CA TYR D 96 32.45 -3.96 13.08
C TYR D 96 31.75 -5.32 13.16
N TYR D 97 30.65 -5.38 13.94
CA TYR D 97 29.96 -6.62 14.25
C TYR D 97 28.46 -6.54 13.90
N CYS D 98 27.90 -7.62 13.35
CA CYS D 98 26.46 -7.76 13.23
C CYS D 98 25.95 -8.60 14.41
N ALA D 99 24.85 -8.14 15.03
CA ALA D 99 24.20 -8.87 16.11
C ALA D 99 22.70 -8.98 15.85
N ALA D 100 22.02 -9.80 16.65
CA ALA D 100 20.59 -10.00 16.51
C ALA D 100 19.96 -10.57 17.79
N SER D 101 18.64 -10.39 17.92
CA SER D 101 17.89 -10.98 19.02
C SER D 101 16.44 -11.26 18.60
N ASP D 102 15.82 -12.22 19.29
CA ASP D 102 14.50 -12.71 18.92
C ASP D 102 13.35 -12.26 19.83
N ASN D 103 13.65 -12.03 21.10
CA ASN D 103 12.59 -11.82 22.09
C ASN D 103 12.64 -10.46 22.79
N ASP D 104 13.57 -9.62 22.34
CA ASP D 104 13.84 -8.34 22.97
C ASP D 104 14.61 -7.51 21.93
N GLY D 105 14.57 -6.18 22.08
CA GLY D 105 15.26 -5.29 21.17
C GLY D 105 16.64 -4.84 21.65
N ASN D 106 17.29 -5.67 22.47
CA ASN D 106 18.66 -5.42 22.91
C ASN D 106 19.73 -5.78 21.88
N CYS D 107 19.41 -6.70 20.95
CA CYS D 107 20.36 -7.18 19.95
C CYS D 107 21.65 -7.79 20.53
N GLN D 108 21.51 -8.65 21.55
CA GLN D 108 22.65 -9.20 22.27
C GLN D 108 22.75 -10.72 22.27
N ASP D 109 21.81 -11.40 21.59
CA ASP D 109 21.73 -12.85 21.62
C ASP D 109 22.77 -13.51 20.72
N TYR D 110 22.90 -13.00 19.48
CA TYR D 110 23.77 -13.58 18.46
C TYR D 110 24.77 -12.55 17.95
N TRP D 111 26.03 -12.99 17.73
CA TRP D 111 27.09 -12.12 17.29
C TRP D 111 27.93 -12.76 16.18
N GLY D 112 28.39 -11.94 15.24
CA GLY D 112 29.34 -12.38 14.25
C GLY D 112 30.77 -12.18 14.77
N LYS D 113 31.76 -12.52 13.94
CA LYS D 113 33.15 -12.50 14.35
C LYS D 113 33.80 -11.13 14.13
N GLY D 114 33.22 -10.33 13.24
CA GLY D 114 33.69 -8.98 12.99
C GLY D 114 34.51 -8.81 11.71
N THR D 115 34.52 -7.57 11.19
CA THR D 115 35.39 -7.16 10.10
C THR D 115 36.01 -5.81 10.44
N LEU D 116 37.33 -5.68 10.22
CA LEU D 116 38.03 -4.44 10.49
C LEU D 116 37.70 -3.41 9.40
N VAL D 117 37.49 -2.15 9.82
CA VAL D 117 37.42 -1.03 8.90
C VAL D 117 38.45 0.01 9.34
N THR D 118 39.53 0.13 8.57
CA THR D 118 40.59 1.08 8.82
C THR D 118 40.52 2.20 7.78
N VAL D 119 40.70 3.44 8.25
CA VAL D 119 40.64 4.61 7.41
C VAL D 119 41.91 5.43 7.62
N SER D 120 42.74 5.49 6.58
CA SER D 120 43.97 6.27 6.59
C SER D 120 44.41 6.54 5.16
#